data_4CP9
#
_entry.id   4CP9
#
_cell.length_a   50.876
_cell.length_b   66.259
_cell.length_c   159.427
_cell.angle_alpha   90.00
_cell.angle_beta   90.00
_cell.angle_gamma   90.00
#
_symmetry.space_group_name_H-M   'P 21 21 21'
#
loop_
_entity.id
_entity.type
_entity.pdbx_description
1 polymer 'PA-I GALACTOPHILIC LECTIN'
2 polymer 'PA-I GALACTOPHILIC LECTIN'
3 non-polymer 'CALCIUM ION'
4 non-polymer beta-D-galactopyranose
5 non-polymer (4S)-N-ethyl-4-{[N-methyl-3-(1-{2-[(4-sulfanylbenzoyl)amino]ethyl}-1H-1,2,3-triazol-4-yl)-L-alanyl]amino}-L-prolinamide
6 non-polymer 'PENTAETHYLENE GLYCOL'
7 non-polymer 'SULFATE ION'
8 non-polymer 1,2-ETHANEDIOL
9 water water
#
loop_
_entity_poly.entity_id
_entity_poly.type
_entity_poly.pdbx_seq_one_letter_code
_entity_poly.pdbx_strand_id
1 'polypeptide(L)'
;AWKGEVLANNEAGQVTSIIYNPGDVITIVAAG(TRO)ASYGPTQKWGPQGDREHPDQGLI(OCS)HDAFCGALVMKIGNS
GTIPVNTGLFRWVAPNNVQGAITLIYNDVPGTYGNNSGSFSVNIGKDQS
;
A
2 'polypeptide(L)'
;AWKGEVLANNEAGQVTSIIYNPGDVITIVAAGWASYGPTQKWGPQGDREHPDQGLI(OCS)HDAFCGALVMKIGNSGTIP
VNTGLFRWVAPNNVQGAITLIYNDVPGTYGNNSGSFSVNIGKDQS
;
B,C,D
#
loop_
_chem_comp.id
_chem_comp.type
_chem_comp.name
_chem_comp.formula
1PE non-polymer 'PENTAETHYLENE GLYCOL' 'C10 H22 O6'
CA non-polymer 'CALCIUM ION' 'Ca 2'
CN8 non-polymer (4S)-N-ethyl-4-{[N-methyl-3-(1-{2-[(4-sulfanylbenzoyl)amino]ethyl}-1H-1,2,3-triazol-4-yl)-L-alanyl]amino}-L-prolinamide 'C22 H32 N8 O3 S'
EDO non-polymer 1,2-ETHANEDIOL 'C2 H6 O2'
GAL D-saccharide, beta linking beta-D-galactopyranose 'C6 H12 O6'
SO4 non-polymer 'SULFATE ION' 'O4 S -2'
#
# COMPACT_ATOMS: atom_id res chain seq x y z
N ALA A 1 -7.32 -0.06 9.24
CA ALA A 1 -6.23 -0.74 10.08
C ALA A 1 -6.70 -0.77 11.51
N TRP A 2 -6.16 -1.67 12.31
CA TRP A 2 -6.61 -1.82 13.69
C TRP A 2 -5.38 -1.98 14.56
N LYS A 3 -5.42 -1.41 15.76
CA LYS A 3 -4.34 -1.60 16.72
C LYS A 3 -4.99 -1.83 18.06
N GLY A 4 -4.49 -2.79 18.82
CA GLY A 4 -5.01 -2.99 20.16
C GLY A 4 -4.32 -4.12 20.91
N GLU A 5 -4.85 -4.48 22.07
CA GLU A 5 -4.22 -5.46 22.95
C GLU A 5 -5.08 -6.71 23.03
N VAL A 6 -4.42 -7.86 23.13
CA VAL A 6 -5.07 -9.14 23.32
C VAL A 6 -4.60 -9.71 24.66
N LEU A 7 -5.49 -9.76 25.65
CA LEU A 7 -5.12 -10.25 26.95
C LEU A 7 -5.04 -11.77 26.96
N ALA A 8 -3.99 -12.27 27.60
CA ALA A 8 -3.77 -13.71 27.70
C ALA A 8 -4.91 -14.46 28.43
N ASN A 9 -5.57 -13.77 29.35
CA ASN A 9 -6.62 -14.41 30.15
C ASN A 9 -8.02 -14.30 29.54
N ASN A 10 -8.10 -13.78 28.31
CA ASN A 10 -9.37 -13.51 27.63
C ASN A 10 -9.76 -14.69 26.76
N GLU A 11 -10.50 -15.64 27.35
CA GLU A 11 -10.83 -16.89 26.64
C GLU A 11 -11.64 -16.70 25.38
N ALA A 12 -12.50 -15.68 25.40
CA ALA A 12 -13.37 -15.40 24.25
C ALA A 12 -12.67 -14.68 23.13
N GLY A 13 -11.45 -14.24 23.36
CA GLY A 13 -10.70 -13.49 22.35
C GLY A 13 -11.11 -12.03 22.24
N GLN A 14 -10.30 -11.31 21.47
CA GLN A 14 -10.44 -9.90 21.29
C GLN A 14 -10.92 -9.68 19.87
N VAL A 15 -12.16 -9.23 19.73
N VAL A 15 -12.16 -9.23 19.74
CA VAL A 15 -12.72 -8.87 18.42
CA VAL A 15 -12.73 -8.86 18.42
C VAL A 15 -12.03 -7.61 17.92
C VAL A 15 -12.05 -7.61 17.93
N THR A 16 -11.73 -7.58 16.63
CA THR A 16 -11.11 -6.40 16.03
C THR A 16 -12.12 -5.71 15.13
N SER A 17 -11.74 -4.60 14.54
CA SER A 17 -12.59 -3.88 13.58
C SER A 17 -12.39 -4.39 12.18
N ILE A 18 -11.50 -5.36 12.00
CA ILE A 18 -11.16 -5.83 10.66
C ILE A 18 -12.15 -6.91 10.22
N ILE A 19 -12.83 -6.70 9.09
CA ILE A 19 -13.54 -7.76 8.42
C ILE A 19 -12.72 -8.20 7.21
N TYR A 20 -12.30 -9.43 7.22
CA TYR A 20 -11.56 -10.00 6.12
C TYR A 20 -12.55 -10.38 5.00
N ASN A 21 -12.42 -9.73 3.85
CA ASN A 21 -13.33 -9.99 2.71
C ASN A 21 -12.56 -10.69 1.61
N PRO A 22 -13.28 -11.37 0.71
CA PRO A 22 -12.62 -12.03 -0.40
C PRO A 22 -11.66 -11.18 -1.18
N GLY A 23 -10.46 -11.72 -1.39
CA GLY A 23 -9.43 -11.01 -2.12
C GLY A 23 -8.50 -10.19 -1.24
N ASP A 24 -8.85 -10.02 0.04
CA ASP A 24 -8.04 -9.11 0.85
C ASP A 24 -6.66 -9.72 1.06
N VAL A 25 -5.68 -8.85 1.17
CA VAL A 25 -4.33 -9.18 1.60
C VAL A 25 -4.12 -8.44 2.91
N ILE A 26 -3.60 -9.14 3.94
CA ILE A 26 -3.42 -8.48 5.26
C ILE A 26 -2.03 -8.67 5.75
N THR A 27 -1.61 -7.74 6.61
CA THR A 27 -0.35 -7.86 7.36
C THR A 27 -0.68 -7.65 8.83
N ILE A 28 -0.12 -8.52 9.66
CA ILE A 28 -0.28 -8.46 11.13
C ILE A 28 1.15 -8.45 11.72
N VAL A 29 1.38 -7.60 12.73
CA VAL A 29 2.61 -7.61 13.52
C VAL A 29 2.16 -7.62 14.99
N ALA A 30 2.66 -8.60 15.75
CA ALA A 30 2.36 -8.74 17.18
C ALA A 30 3.61 -8.66 18.01
N ALA A 31 3.50 -8.03 19.19
CA ALA A 31 4.61 -7.92 20.13
C ALA A 31 4.11 -8.08 21.54
N GLY A 32 5.06 -8.27 22.45
CA GLY A 32 4.73 -8.27 23.89
C GLY A 32 4.97 -9.60 24.58
N TRO A 33 4.51 -9.68 25.84
CA TRO A 33 4.92 -10.72 26.77
CB TRO A 33 5.83 -10.18 27.86
CG TRO A 33 7.09 -9.74 27.19
CD1 TRO A 33 7.45 -8.42 26.67
OD1 TRO A 33 6.63 -7.24 26.94
NE1 TRO A 33 8.62 -8.38 26.01
CE2 TRO A 33 9.11 -9.64 25.96
CZ2 TRO A 33 10.27 -10.17 25.44
CH2 TRO A 33 10.48 -11.54 25.56
CZ3 TRO A 33 9.59 -12.40 26.16
CE3 TRO A 33 8.43 -11.92 26.78
CD2 TRO A 33 8.18 -10.56 26.65
C TRO A 33 3.70 -11.23 27.50
O TRO A 33 2.91 -10.46 28.04
N ALA A 34 3.53 -12.54 27.50
CA ALA A 34 2.37 -13.18 28.15
C ALA A 34 2.71 -14.56 28.66
N SER A 35 1.87 -15.02 29.58
CA SER A 35 2.01 -16.35 30.18
C SER A 35 0.66 -17.08 30.33
N TYR A 36 0.73 -18.40 30.16
CA TYR A 36 -0.38 -19.33 30.36
C TYR A 36 -0.39 -19.89 31.77
N GLY A 37 0.47 -19.38 32.63
CA GLY A 37 0.46 -19.83 34.06
C GLY A 37 1.79 -19.65 34.79
N PRO A 38 2.91 -20.08 34.19
CA PRO A 38 4.22 -19.86 34.76
C PRO A 38 4.54 -18.41 35.08
N THR A 39 5.42 -18.20 36.05
CA THR A 39 5.98 -16.88 36.27
C THR A 39 6.63 -16.33 35.02
N GLN A 40 7.38 -17.19 34.32
CA GLN A 40 8.06 -16.79 33.08
C GLN A 40 7.00 -16.33 32.05
N LYS A 41 7.42 -15.44 31.15
N LYS A 41 7.43 -15.46 31.15
CA LYS A 41 6.57 -15.02 30.04
CA LYS A 41 6.57 -15.06 30.03
C LYS A 41 7.28 -15.29 28.71
C LYS A 41 7.29 -15.31 28.71
N TRP A 42 6.47 -15.45 27.67
CA TRP A 42 6.90 -15.68 26.32
C TRP A 42 6.32 -14.64 25.37
N GLY A 43 6.94 -14.53 24.21
CA GLY A 43 6.43 -13.70 23.12
C GLY A 43 5.34 -14.37 22.29
N PRO A 44 4.95 -13.75 21.20
CA PRO A 44 3.75 -14.23 20.43
C PRO A 44 3.87 -15.58 19.74
N GLN A 45 5.09 -16.15 19.68
CA GLN A 45 5.27 -17.56 19.21
C GLN A 45 4.97 -18.57 20.33
N GLY A 46 4.84 -18.09 21.58
CA GLY A 46 4.59 -18.99 22.70
C GLY A 46 5.84 -19.75 23.15
N ASP A 47 5.61 -20.88 23.82
CA ASP A 47 6.62 -21.67 24.48
C ASP A 47 6.85 -22.95 23.71
N ARG A 48 7.96 -23.01 22.96
CA ARG A 48 8.24 -24.13 22.10
C ARG A 48 8.50 -25.42 22.84
N GLU A 49 8.79 -25.34 24.13
CA GLU A 49 9.10 -26.54 24.91
C GLU A 49 7.89 -27.13 25.60
N HIS A 50 6.73 -26.56 25.43
CA HIS A 50 5.57 -26.96 26.26
C HIS A 50 4.71 -27.98 25.48
N PRO A 51 4.27 -29.04 26.14
CA PRO A 51 3.44 -30.00 25.40
C PRO A 51 2.06 -29.42 25.13
N ASP A 52 1.40 -29.94 24.11
CA ASP A 52 0.03 -29.57 23.79
C ASP A 52 -0.91 -30.45 24.63
N GLN A 53 -1.63 -29.82 25.56
CA GLN A 53 -2.51 -30.52 26.48
C GLN A 53 -3.97 -30.28 26.14
N GLY A 54 -4.26 -29.99 24.88
CA GLY A 54 -5.61 -29.70 24.45
C GLY A 54 -5.78 -28.25 24.05
N LEU A 55 -4.78 -27.71 23.37
CA LEU A 55 -4.82 -26.29 22.99
C LEU A 55 -5.95 -25.99 22.00
N ILE A 56 -6.43 -24.73 22.00
CA ILE A 56 -7.42 -24.32 20.97
C ILE A 56 -6.84 -24.36 19.55
N OCS A 57 -5.50 -24.23 19.39
CA OCS A 57 -4.86 -24.35 18.08
CB OCS A 57 -4.41 -22.97 17.58
SG OCS A 57 -3.84 -22.96 15.95
C OCS A 57 -3.73 -25.32 18.19
O OCS A 57 -2.71 -25.05 18.87
OD1 OCS A 57 -2.57 -23.55 15.85
OD2 OCS A 57 -4.06 -21.47 15.34
OD3 OCS A 57 -4.71 -23.74 15.06
N HIS A 58 -3.84 -26.47 17.51
CA HIS A 58 -2.79 -27.47 17.61
C HIS A 58 -1.60 -27.18 16.69
N ASP A 59 -1.71 -26.18 15.83
CA ASP A 59 -0.63 -25.85 14.93
C ASP A 59 0.19 -24.65 15.39
N ALA A 60 0.02 -24.25 16.63
CA ALA A 60 0.86 -23.24 17.28
C ALA A 60 1.18 -23.68 18.68
N PHE A 61 2.26 -23.12 19.24
CA PHE A 61 2.65 -23.46 20.60
C PHE A 61 1.70 -22.88 21.62
N CYS A 62 1.70 -23.49 22.81
CA CYS A 62 1.04 -22.93 23.99
C CYS A 62 1.57 -21.52 24.23
N GLY A 63 0.68 -20.55 24.36
CA GLY A 63 1.06 -19.16 24.58
C GLY A 63 1.29 -18.37 23.31
N ALA A 64 1.01 -18.98 22.15
CA ALA A 64 1.10 -18.24 20.92
C ALA A 64 -0.15 -17.39 20.66
N LEU A 65 -0.01 -16.39 19.80
CA LEU A 65 -1.15 -15.68 19.28
C LEU A 65 -1.78 -16.40 18.08
N VAL A 66 -3.08 -16.59 18.16
CA VAL A 66 -3.88 -17.19 17.07
C VAL A 66 -5.10 -16.34 16.75
N MET A 67 -5.84 -16.71 15.70
CA MET A 67 -7.04 -15.95 15.35
C MET A 67 -8.12 -16.86 14.77
N LYS A 68 -9.32 -16.29 14.66
CA LYS A 68 -10.37 -16.84 13.83
C LYS A 68 -10.82 -15.78 12.85
N ILE A 69 -11.23 -16.20 11.65
CA ILE A 69 -11.75 -15.31 10.67
C ILE A 69 -13.18 -15.79 10.43
N GLY A 70 -14.15 -15.00 10.83
CA GLY A 70 -15.55 -15.46 10.70
C GLY A 70 -15.70 -16.77 11.43
N ASN A 71 -16.33 -17.75 10.79
CA ASN A 71 -16.58 -19.04 11.44
C ASN A 71 -15.46 -20.05 11.16
N SER A 72 -14.24 -19.56 10.94
CA SER A 72 -13.15 -20.46 10.59
C SER A 72 -12.68 -21.20 11.82
N GLY A 73 -11.87 -22.21 11.61
CA GLY A 73 -11.15 -22.79 12.71
C GLY A 73 -10.06 -21.81 13.14
N THR A 74 -9.35 -22.17 14.21
CA THR A 74 -8.21 -21.31 14.65
C THR A 74 -7.11 -21.38 13.60
N ILE A 75 -6.44 -20.24 13.39
CA ILE A 75 -5.39 -20.04 12.40
C ILE A 75 -4.18 -19.44 13.19
N PRO A 76 -2.99 -20.01 13.03
CA PRO A 76 -1.87 -19.37 13.77
C PRO A 76 -1.50 -18.00 13.25
N VAL A 77 -1.12 -17.12 14.18
CA VAL A 77 -0.60 -15.80 13.85
C VAL A 77 0.84 -15.65 14.31
N ASN A 78 1.15 -16.11 15.51
CA ASN A 78 2.50 -15.95 16.04
C ASN A 78 2.92 -14.49 16.04
N THR A 79 4.15 -14.20 15.56
CA THR A 79 4.61 -12.81 15.49
C THR A 79 3.96 -11.96 14.44
N GLY A 80 3.25 -12.61 13.51
CA GLY A 80 2.56 -11.93 12.46
C GLY A 80 2.53 -12.63 11.17
N LEU A 81 1.90 -11.97 10.18
CA LEU A 81 1.62 -12.52 8.85
C LEU A 81 2.02 -11.40 7.89
N PHE A 82 2.79 -11.72 6.87
CA PHE A 82 3.23 -10.73 5.90
C PHE A 82 2.52 -10.89 4.55
N ARG A 83 1.72 -9.89 4.17
CA ARG A 83 1.03 -9.88 2.86
C ARG A 83 0.37 -11.21 2.56
N TRP A 84 -0.52 -11.56 3.47
CA TRP A 84 -1.10 -12.87 3.58
C TRP A 84 -2.56 -12.87 3.09
N VAL A 85 -2.88 -13.91 2.34
CA VAL A 85 -4.25 -14.19 1.87
C VAL A 85 -4.76 -15.39 2.62
N ALA A 86 -6.00 -15.34 3.02
CA ALA A 86 -6.56 -16.42 3.81
C ALA A 86 -6.85 -17.63 2.86
N PRO A 87 -6.45 -18.85 3.26
CA PRO A 87 -6.69 -20.05 2.46
C PRO A 87 -8.16 -20.48 2.49
N ASN A 88 -8.53 -21.29 1.52
CA ASN A 88 -9.83 -21.91 1.49
C ASN A 88 -11.03 -20.96 1.57
N ASN A 89 -10.87 -19.79 0.99
CA ASN A 89 -11.93 -18.80 0.89
C ASN A 89 -12.63 -18.40 2.24
N VAL A 90 -11.94 -18.49 3.38
CA VAL A 90 -12.56 -18.01 4.65
C VAL A 90 -12.76 -16.49 4.60
N GLN A 91 -13.74 -16.00 5.34
CA GLN A 91 -14.08 -14.59 5.37
C GLN A 91 -14.82 -14.22 6.65
N GLY A 92 -14.76 -12.94 7.00
CA GLY A 92 -15.45 -12.43 8.16
C GLY A 92 -14.61 -11.67 9.18
N ALA A 93 -15.21 -11.37 10.33
CA ALA A 93 -14.53 -10.60 11.36
C ALA A 93 -13.32 -11.38 11.91
N ILE A 94 -12.23 -10.68 12.11
CA ILE A 94 -11.04 -11.26 12.76
C ILE A 94 -11.09 -11.11 14.27
N THR A 95 -11.00 -12.25 14.99
CA THR A 95 -10.88 -12.25 16.44
C THR A 95 -9.52 -12.85 16.78
N LEU A 96 -8.77 -12.14 17.63
CA LEU A 96 -7.44 -12.59 18.08
C LEU A 96 -7.61 -13.33 19.39
N ILE A 97 -6.84 -14.41 19.59
CA ILE A 97 -6.98 -15.20 20.83
C ILE A 97 -5.64 -15.74 21.27
N TYR A 98 -5.42 -15.76 22.56
CA TYR A 98 -4.24 -16.42 23.15
C TYR A 98 -4.43 -17.93 23.15
N ASN A 99 -3.40 -18.67 22.79
CA ASN A 99 -3.52 -20.13 22.64
C ASN A 99 -3.26 -20.80 24.01
N ASP A 100 -4.34 -21.33 24.61
CA ASP A 100 -4.27 -22.10 25.83
C ASP A 100 -5.31 -23.22 25.74
N VAL A 101 -5.37 -24.03 26.77
CA VAL A 101 -6.38 -25.10 26.89
C VAL A 101 -7.69 -24.49 27.42
N PRO A 102 -8.85 -24.81 26.79
CA PRO A 102 -10.13 -24.30 27.29
C PRO A 102 -10.32 -24.60 28.77
N GLY A 103 -10.85 -23.61 29.48
CA GLY A 103 -11.09 -23.71 30.90
C GLY A 103 -9.90 -23.45 31.78
N THR A 104 -8.72 -23.14 31.20
CA THR A 104 -7.48 -22.91 31.99
C THR A 104 -6.95 -21.48 31.81
N TYR A 105 -7.80 -20.56 31.35
CA TYR A 105 -7.35 -19.19 31.05
C TYR A 105 -7.22 -18.35 32.29
N GLY A 106 -7.79 -18.80 33.40
CA GLY A 106 -7.89 -17.91 34.54
C GLY A 106 -6.60 -17.53 35.21
N ASN A 107 -5.55 -18.32 35.04
CA ASN A 107 -4.24 -18.04 35.62
C ASN A 107 -3.27 -17.37 34.63
N ASN A 108 -3.80 -16.98 33.47
CA ASN A 108 -2.92 -16.37 32.46
C ASN A 108 -2.63 -14.91 32.77
N SER A 109 -1.56 -14.36 32.23
CA SER A 109 -1.17 -12.97 32.54
C SER A 109 -0.50 -12.35 31.33
N GLY A 110 -0.45 -11.03 31.33
CA GLY A 110 0.13 -10.26 30.20
C GLY A 110 -0.79 -10.23 29.00
N SER A 111 -0.23 -9.73 27.90
CA SER A 111 -0.99 -9.39 26.71
C SER A 111 -0.03 -9.22 25.54
N PHE A 112 -0.58 -9.28 24.33
CA PHE A 112 0.17 -8.90 23.13
C PHE A 112 -0.46 -7.65 22.51
N SER A 113 0.40 -6.78 21.99
N SER A 113 0.41 -6.75 22.05
CA SER A 113 0.00 -5.59 21.25
CA SER A 113 0.05 -5.59 21.24
C SER A 113 0.08 -5.91 19.77
C SER A 113 0.04 -6.03 19.78
N VAL A 114 -1.03 -5.69 19.06
CA VAL A 114 -1.18 -6.20 17.72
C VAL A 114 -1.61 -5.10 16.78
N ASN A 115 -0.93 -5.01 15.62
CA ASN A 115 -1.40 -4.17 14.49
C ASN A 115 -1.85 -5.07 13.34
N ILE A 116 -2.98 -4.74 12.74
CA ILE A 116 -3.47 -5.38 11.52
C ILE A 116 -3.82 -4.30 10.48
N GLY A 117 -3.34 -4.51 9.26
CA GLY A 117 -3.73 -3.62 8.18
C GLY A 117 -4.05 -4.42 6.93
N LYS A 118 -4.77 -3.77 6.02
CA LYS A 118 -4.96 -4.32 4.70
C LYS A 118 -3.95 -3.79 3.73
N ASP A 119 -3.44 -4.66 2.89
CA ASP A 119 -2.43 -4.32 1.92
C ASP A 119 -3.04 -4.10 0.53
N GLN A 120 -2.20 -3.63 -0.40
CA GLN A 120 -2.65 -3.46 -1.78
C GLN A 120 -3.12 -4.70 -2.41
N SER A 121 -4.13 -4.60 -3.26
CA SER A 121 -4.57 -5.75 -4.04
C SER A 121 -5.31 -5.31 -5.28
N ALA B 1 10.34 -6.43 -2.25
CA ALA B 1 10.39 -7.02 -0.88
C ALA B 1 11.56 -8.00 -0.79
N TRP B 2 11.90 -8.42 0.44
CA TRP B 2 12.99 -9.32 0.66
C TRP B 2 12.58 -10.32 1.74
N LYS B 3 12.94 -11.57 1.54
CA LYS B 3 12.79 -12.60 2.58
C LYS B 3 14.11 -13.31 2.79
N GLY B 4 14.50 -13.56 4.03
CA GLY B 4 15.71 -14.35 4.26
C GLY B 4 15.89 -14.66 5.72
N GLU B 5 17.07 -15.16 6.05
N GLU B 5 17.10 -15.08 6.05
CA GLU B 5 17.33 -15.59 7.42
CA GLU B 5 17.44 -15.68 7.34
C GLU B 5 18.51 -14.81 7.97
C GLU B 5 18.57 -14.86 7.97
N VAL B 6 18.48 -14.58 9.27
CA VAL B 6 19.55 -13.90 10.01
C VAL B 6 20.11 -14.89 11.01
N LEU B 7 21.37 -15.28 10.85
CA LEU B 7 22.01 -16.24 11.80
C LEU B 7 22.43 -15.57 13.08
N ALA B 8 22.19 -16.26 14.18
CA ALA B 8 22.56 -15.71 15.48
C ALA B 8 24.07 -15.61 15.65
N ASN B 9 24.81 -16.43 14.93
CA ASN B 9 26.28 -16.47 15.08
C ASN B 9 27.04 -15.48 14.22
N ASN B 10 26.34 -14.67 13.43
CA ASN B 10 27.03 -13.82 12.48
C ASN B 10 27.16 -12.38 13.00
N GLU B 11 28.35 -11.96 13.44
CA GLU B 11 28.54 -10.60 13.92
C GLU B 11 28.38 -9.59 12.85
N ALA B 12 28.56 -9.95 11.58
CA ALA B 12 28.44 -9.00 10.48
C ALA B 12 26.96 -8.76 10.10
N GLY B 13 26.09 -9.65 10.54
CA GLY B 13 24.64 -9.66 10.22
C GLY B 13 24.39 -10.04 8.76
N GLN B 14 23.17 -9.79 8.31
CA GLN B 14 22.73 -10.21 6.99
C GLN B 14 22.30 -8.97 6.26
N VAL B 15 23.01 -8.68 5.17
CA VAL B 15 22.59 -7.60 4.34
C VAL B 15 21.34 -8.01 3.54
N THR B 16 20.46 -7.06 3.31
CA THR B 16 19.24 -7.30 2.51
C THR B 16 19.31 -6.53 1.23
N SER B 17 18.31 -6.74 0.39
CA SER B 17 18.22 -5.97 -0.87
C SER B 17 17.38 -4.70 -0.72
N ILE B 18 16.97 -4.35 0.50
CA ILE B 18 16.12 -3.18 0.74
C ILE B 18 17.01 -1.96 1.02
N ILE B 19 16.88 -0.91 0.21
CA ILE B 19 17.49 0.37 0.51
C ILE B 19 16.44 1.33 1.05
N TYR B 20 16.63 1.71 2.31
CA TYR B 20 15.71 2.62 2.95
C TYR B 20 16.04 4.04 2.52
N ASN B 21 15.08 4.69 1.87
CA ASN B 21 15.20 6.10 1.47
C ASN B 21 14.30 7.04 2.26
N PRO B 22 14.70 8.31 2.37
CA PRO B 22 13.87 9.26 3.10
C PRO B 22 12.40 9.22 2.72
N GLY B 23 11.53 9.17 3.72
CA GLY B 23 10.11 9.15 3.51
C GLY B 23 9.52 7.75 3.30
N ASP B 24 10.38 6.74 3.15
CA ASP B 24 9.90 5.39 2.96
C ASP B 24 9.13 4.92 4.23
N VAL B 25 8.12 4.11 4.00
CA VAL B 25 7.35 3.46 5.05
C VAL B 25 7.63 1.99 4.85
N ILE B 26 8.05 1.26 5.91
CA ILE B 26 8.38 -0.14 5.76
C ILE B 26 7.66 -1.00 6.79
N THR B 27 7.44 -2.26 6.44
CA THR B 27 6.95 -3.25 7.41
C THR B 27 7.90 -4.45 7.41
N ILE B 28 8.22 -4.91 8.63
CA ILE B 28 9.07 -6.07 8.86
C ILE B 28 8.31 -7.03 9.76
N VAL B 29 8.32 -8.33 9.42
CA VAL B 29 7.80 -9.36 10.29
C VAL B 29 8.94 -10.37 10.47
N ALA B 30 9.26 -10.72 11.73
CA ALA B 30 10.34 -11.66 12.06
C ALA B 30 9.84 -12.81 12.89
N ALA B 31 10.39 -13.99 12.68
CA ALA B 31 10.02 -15.15 13.46
C ALA B 31 11.22 -16.08 13.66
N GLY B 32 11.03 -17.13 14.44
CA GLY B 32 12.08 -18.12 14.67
C GLY B 32 12.64 -18.13 16.07
N TRP B 33 13.71 -18.94 16.22
CA TRP B 33 14.27 -19.27 17.52
C TRP B 33 15.79 -19.20 17.48
N ALA B 34 16.37 -18.52 18.47
CA ALA B 34 17.83 -18.39 18.55
C ALA B 34 18.30 -18.28 19.98
N SER B 35 19.58 -18.53 20.14
CA SER B 35 20.20 -18.41 21.47
C SER B 35 21.52 -17.69 21.39
N TYR B 36 21.80 -16.95 22.47
CA TYR B 36 23.09 -16.26 22.66
C TYR B 36 24.09 -17.09 23.49
N GLY B 37 23.74 -18.35 23.75
CA GLY B 37 24.66 -19.26 24.44
C GLY B 37 23.95 -20.36 25.18
N PRO B 38 22.93 -20.02 25.98
CA PRO B 38 22.27 -21.05 26.80
C PRO B 38 21.55 -22.11 25.99
N THR B 39 21.19 -23.23 26.63
CA THR B 39 20.47 -24.27 25.88
C THR B 39 19.10 -23.81 25.37
N GLN B 40 18.42 -22.95 26.15
CA GLN B 40 17.10 -22.47 25.79
C GLN B 40 17.25 -21.58 24.53
N LYS B 41 16.16 -21.46 23.78
N LYS B 41 16.15 -21.43 23.81
CA LYS B 41 16.13 -20.48 22.69
CA LYS B 41 16.10 -20.49 22.69
C LYS B 41 14.98 -19.51 22.91
C LYS B 41 14.97 -19.51 22.90
N TRP B 42 15.11 -18.32 22.32
CA TRP B 42 14.15 -17.24 22.43
C TRP B 42 13.77 -16.75 21.04
N GLY B 43 12.62 -16.13 20.98
CA GLY B 43 12.15 -15.49 19.74
C GLY B 43 12.79 -14.13 19.52
N PRO B 44 12.33 -13.38 18.51
CA PRO B 44 13.04 -12.19 18.12
C PRO B 44 13.00 -10.99 19.05
N GLN B 45 12.23 -11.05 20.13
CA GLN B 45 12.34 -10.02 21.17
C GLN B 45 13.49 -10.33 22.12
N GLY B 46 14.10 -11.50 22.01
CA GLY B 46 15.16 -11.89 22.91
C GLY B 46 14.70 -12.26 24.32
N ASP B 47 15.66 -12.20 25.24
CA ASP B 47 15.49 -12.67 26.63
C ASP B 47 15.32 -11.48 27.58
N ARG B 48 14.09 -11.30 28.06
CA ARG B 48 13.75 -10.15 28.87
C ARG B 48 14.40 -10.17 30.23
N GLU B 49 14.92 -11.34 30.62
CA GLU B 49 15.50 -11.55 31.96
C GLU B 49 17.00 -11.27 32.01
N HIS B 50 17.61 -11.02 30.87
CA HIS B 50 19.07 -11.05 30.80
C HIS B 50 19.67 -9.64 30.86
N PRO B 51 20.70 -9.45 31.72
CA PRO B 51 21.32 -8.13 31.76
C PRO B 51 22.13 -7.77 30.52
N ASP B 52 22.17 -6.47 30.20
CA ASP B 52 22.99 -5.94 29.12
C ASP B 52 24.47 -5.88 29.55
N GLN B 53 25.32 -6.74 28.97
CA GLN B 53 26.74 -6.77 29.29
C GLN B 53 27.62 -6.13 28.21
N GLY B 54 27.07 -5.19 27.42
CA GLY B 54 27.78 -4.59 26.30
C GLY B 54 27.17 -4.95 24.94
N LEU B 55 25.84 -5.04 24.89
CA LEU B 55 25.16 -5.38 23.65
C LEU B 55 25.39 -4.38 22.52
N ILE B 56 25.35 -4.85 21.27
CA ILE B 56 25.42 -3.89 20.17
C ILE B 56 24.23 -2.90 20.11
N OCS B 57 23.08 -3.27 20.71
CA OCS B 57 21.91 -2.39 20.82
CB OCS B 57 20.77 -2.89 19.90
SG OCS B 57 19.45 -1.82 19.78
C OCS B 57 21.45 -2.38 22.24
O OCS B 57 20.90 -3.37 22.77
OD1 OCS B 57 18.80 -1.71 21.01
OD2 OCS B 57 19.93 -0.55 19.26
N HIS B 58 21.62 -1.24 22.90
CA HIS B 58 21.23 -1.14 24.30
C HIS B 58 19.72 -0.92 24.47
N ASP B 59 18.97 -0.73 23.39
CA ASP B 59 17.54 -0.48 23.45
C ASP B 59 16.69 -1.72 23.10
N ALA B 60 17.34 -2.89 23.06
CA ALA B 60 16.66 -4.17 22.86
C ALA B 60 17.33 -5.18 23.76
N PHE B 61 16.59 -6.23 24.11
CA PHE B 61 17.14 -7.34 24.91
C PHE B 61 18.23 -8.14 24.18
N CYS B 62 19.07 -8.78 24.98
CA CYS B 62 19.99 -9.78 24.47
C CYS B 62 19.23 -10.86 23.71
N GLY B 63 19.63 -11.14 22.47
CA GLY B 63 19.00 -12.18 21.68
C GLY B 63 17.88 -11.59 20.79
N ALA B 64 17.67 -10.30 20.83
CA ALA B 64 16.63 -9.67 19.96
C ALA B 64 17.19 -9.41 18.55
N LEU B 65 16.28 -9.32 17.58
CA LEU B 65 16.63 -8.85 16.25
C LEU B 65 16.73 -7.31 16.20
N VAL B 66 17.83 -6.80 15.68
CA VAL B 66 18.03 -5.36 15.45
C VAL B 66 18.50 -5.12 14.01
N MET B 67 18.62 -3.86 13.61
CA MET B 67 19.06 -3.53 12.24
C MET B 67 19.91 -2.27 12.22
N LYS B 68 20.62 -2.08 11.12
CA LYS B 68 21.17 -0.79 10.79
C LYS B 68 20.62 -0.41 9.43
N ILE B 69 20.54 0.90 9.21
CA ILE B 69 20.18 1.42 7.91
C ILE B 69 21.37 2.29 7.46
N GLY B 70 22.05 1.85 6.41
CA GLY B 70 23.28 2.51 5.98
C GLY B 70 24.24 2.45 7.15
N ASN B 71 24.86 3.59 7.46
CA ASN B 71 25.79 3.68 8.59
C ASN B 71 25.18 4.11 9.90
N SER B 72 23.91 3.84 10.12
CA SER B 72 23.25 4.25 11.33
C SER B 72 23.82 3.40 12.45
N GLY B 73 23.48 3.79 13.65
CA GLY B 73 23.59 2.90 14.78
C GLY B 73 22.48 1.87 14.72
N THR B 74 22.51 0.95 15.65
CA THR B 74 21.51 -0.11 15.70
C THR B 74 20.15 0.45 16.11
N ILE B 75 19.10 -0.14 15.51
CA ILE B 75 17.71 0.20 15.76
C ILE B 75 16.98 -1.10 16.09
N PRO B 76 16.17 -1.14 17.17
CA PRO B 76 15.41 -2.37 17.48
C PRO B 76 14.43 -2.75 16.37
N VAL B 77 14.37 -4.03 16.08
CA VAL B 77 13.31 -4.61 15.23
C VAL B 77 12.37 -5.52 16.04
N ASN B 78 12.94 -6.37 16.88
CA ASN B 78 12.13 -7.30 17.66
C ASN B 78 11.27 -8.17 16.74
N THR B 79 9.99 -8.33 17.04
CA THR B 79 9.14 -9.16 16.18
C THR B 79 8.81 -8.49 14.86
N GLY B 80 9.08 -7.19 14.76
CA GLY B 80 8.83 -6.48 13.51
C GLY B 80 8.39 -5.07 13.73
N LEU B 81 8.18 -4.38 12.62
CA LEU B 81 7.77 -2.97 12.60
C LEU B 81 6.61 -2.83 11.65
N PHE B 82 5.58 -2.12 12.05
CA PHE B 82 4.37 -1.99 11.26
C PHE B 82 4.27 -0.59 10.66
N ARG B 83 4.40 -0.47 9.33
CA ARG B 83 4.21 0.80 8.65
C ARG B 83 5.06 1.91 9.32
N TRP B 84 6.35 1.63 9.39
CA TRP B 84 7.32 2.42 10.16
C TRP B 84 8.13 3.36 9.27
N VAL B 85 8.36 4.56 9.79
CA VAL B 85 9.18 5.59 9.15
C VAL B 85 10.34 5.85 10.08
N ALA B 86 11.53 6.02 9.51
CA ALA B 86 12.76 6.20 10.28
C ALA B 86 12.81 7.64 10.83
N PRO B 87 13.61 7.88 11.88
CA PRO B 87 14.04 9.24 12.24
C PRO B 87 14.70 9.96 11.06
N ASN B 88 14.56 11.27 11.00
CA ASN B 88 15.20 11.96 9.87
C ASN B 88 16.72 11.63 9.78
N ASN B 89 17.18 11.62 8.55
CA ASN B 89 18.55 11.36 8.18
C ASN B 89 18.87 9.94 7.70
N VAL B 90 18.37 8.84 8.32
CA VAL B 90 18.97 7.54 7.89
C VAL B 90 18.60 7.09 6.48
N GLN B 91 19.55 6.48 5.77
CA GLN B 91 19.38 6.06 4.40
C GLN B 91 20.40 4.99 4.14
N GLY B 92 20.00 4.02 3.34
CA GLY B 92 20.90 3.02 2.87
C GLY B 92 20.38 1.66 3.14
N ALA B 93 21.21 0.69 2.81
CA ALA B 93 20.80 -0.70 2.85
C ALA B 93 20.49 -1.09 4.28
N ILE B 94 19.43 -1.87 4.39
CA ILE B 94 19.12 -2.48 5.68
C ILE B 94 19.96 -3.72 5.89
N THR B 95 20.64 -3.79 7.04
CA THR B 95 21.35 -4.98 7.48
C THR B 95 20.72 -5.44 8.77
N LEU B 96 20.37 -6.71 8.85
CA LEU B 96 19.75 -7.30 10.01
C LEU B 96 20.80 -7.99 10.87
N ILE B 97 20.69 -7.85 12.19
CA ILE B 97 21.75 -8.34 13.11
C ILE B 97 21.15 -8.89 14.39
N TYR B 98 21.70 -10.02 14.87
CA TYR B 98 21.35 -10.59 16.16
C TYR B 98 22.02 -9.76 17.27
N ASN B 99 21.28 -9.40 18.30
CA ASN B 99 21.82 -8.54 19.39
C ASN B 99 22.58 -9.38 20.41
N ASP B 100 23.90 -9.26 20.42
CA ASP B 100 24.74 -9.93 21.46
C ASP B 100 25.95 -9.01 21.68
N VAL B 101 26.85 -9.45 22.57
CA VAL B 101 28.06 -8.70 22.87
C VAL B 101 29.14 -9.03 21.85
N PRO B 102 29.79 -8.03 21.28
CA PRO B 102 30.87 -8.27 20.31
C PRO B 102 31.93 -9.24 20.87
N GLY B 103 32.41 -10.13 20.01
CA GLY B 103 33.33 -11.16 20.46
C GLY B 103 32.74 -12.35 21.13
N THR B 104 31.43 -12.34 21.42
CA THR B 104 30.78 -13.45 22.12
C THR B 104 29.78 -14.23 21.27
N TYR B 105 29.87 -14.05 19.94
CA TYR B 105 28.89 -14.72 19.04
C TYR B 105 29.22 -16.19 18.77
N GLY B 106 30.40 -16.62 19.20
CA GLY B 106 30.80 -18.00 18.99
C GLY B 106 29.91 -19.09 19.47
N ASN B 107 29.25 -18.91 20.60
CA ASN B 107 28.41 -19.91 21.17
C ASN B 107 26.95 -19.74 20.82
N ASN B 108 26.68 -18.88 19.84
CA ASN B 108 25.27 -18.60 19.48
C ASN B 108 24.74 -19.65 18.51
N SER B 109 23.42 -19.80 18.45
CA SER B 109 22.84 -20.77 17.55
C SER B 109 21.46 -20.34 17.13
N GLY B 110 21.00 -20.92 16.05
CA GLY B 110 19.68 -20.65 15.52
C GLY B 110 19.70 -19.42 14.63
N SER B 111 18.51 -18.97 14.27
CA SER B 111 18.33 -17.92 13.28
C SER B 111 16.94 -17.38 13.34
N PHE B 112 16.76 -16.19 12.79
CA PHE B 112 15.40 -15.60 12.56
C PHE B 112 15.08 -15.53 11.06
N SER B 113 13.84 -15.90 10.71
N SER B 113 13.84 -15.85 10.72
CA SER B 113 13.32 -15.66 9.36
CA SER B 113 13.32 -15.67 9.35
C SER B 113 12.69 -14.28 9.35
C SER B 113 12.58 -14.35 9.27
N VAL B 114 12.89 -13.54 8.26
CA VAL B 114 12.45 -12.17 8.20
C VAL B 114 11.90 -11.84 6.81
N ASN B 115 10.79 -11.12 6.79
CA ASN B 115 10.23 -10.48 5.59
C ASN B 115 10.24 -8.96 5.79
N ILE B 116 10.67 -8.22 4.75
CA ILE B 116 10.68 -6.75 4.72
C ILE B 116 10.02 -6.32 3.42
N GLY B 117 9.14 -5.36 3.54
CA GLY B 117 8.57 -4.71 2.34
C GLY B 117 8.37 -3.24 2.51
N LYS B 118 8.34 -2.52 1.41
CA LYS B 118 7.98 -1.10 1.43
C LYS B 118 6.50 -0.93 1.26
N ASP B 119 5.92 -0.05 2.08
CA ASP B 119 4.47 0.19 2.12
C ASP B 119 4.18 1.39 1.27
N GLN B 120 2.88 1.65 1.07
CA GLN B 120 2.44 2.91 0.43
C GLN B 120 2.88 4.12 1.25
N SER B 121 3.21 5.19 0.57
CA SER B 121 3.59 6.44 1.21
C SER B 121 3.35 7.64 0.30
N ALA C 1 3.41 11.16 0.00
CA ALA C 1 2.52 11.53 -1.13
C ALA C 1 2.48 13.05 -1.25
N TRP C 2 2.12 13.52 -2.44
CA TRP C 2 2.13 14.94 -2.77
C TRP C 2 0.82 15.27 -3.48
N LYS C 3 0.27 16.44 -3.19
CA LYS C 3 -0.89 16.95 -3.91
C LYS C 3 -0.62 18.41 -4.25
N GLY C 4 -0.89 18.83 -5.45
CA GLY C 4 -0.66 20.22 -5.81
C GLY C 4 -1.16 20.56 -7.18
N GLU C 5 -0.97 21.83 -7.55
CA GLU C 5 -1.43 22.35 -8.83
C GLU C 5 -0.20 22.51 -9.74
N VAL C 6 -0.41 22.32 -11.01
CA VAL C 6 0.61 22.58 -12.04
C VAL C 6 0.02 23.60 -13.03
N LEU C 7 0.52 24.83 -12.99
CA LEU C 7 -0.05 25.88 -13.83
C LEU C 7 0.42 25.71 -15.29
N ALA C 8 -0.46 25.93 -16.23
CA ALA C 8 -0.10 25.78 -17.65
C ALA C 8 0.92 26.81 -18.16
N ASN C 9 0.96 27.97 -17.51
CA ASN C 9 1.88 29.03 -17.95
C ASN C 9 3.20 28.96 -17.22
N ASN C 10 3.47 27.85 -16.51
CA ASN C 10 4.67 27.76 -15.71
C ASN C 10 5.73 26.96 -16.47
N GLU C 11 6.58 27.66 -17.25
CA GLU C 11 7.59 26.98 -18.08
C GLU C 11 8.61 26.14 -17.31
N ALA C 12 8.90 26.51 -16.07
CA ALA C 12 9.85 25.79 -15.24
C ALA C 12 9.24 24.53 -14.64
N GLY C 13 7.92 24.43 -14.67
CA GLY C 13 7.22 23.28 -14.10
C GLY C 13 7.10 23.42 -12.60
N GLN C 14 6.42 22.44 -11.99
CA GLN C 14 6.17 22.45 -10.57
C GLN C 14 6.99 21.31 -9.97
N VAL C 15 7.99 21.64 -9.17
CA VAL C 15 8.75 20.59 -8.46
C VAL C 15 7.86 20.04 -7.35
N THR C 16 7.87 18.72 -7.16
CA THR C 16 7.06 18.08 -6.14
C THR C 16 7.99 17.62 -5.06
N SER C 17 7.41 17.11 -3.96
CA SER C 17 8.19 16.61 -2.83
C SER C 17 8.58 15.16 -3.05
N ILE C 18 8.20 14.57 -4.19
CA ILE C 18 8.47 13.17 -4.44
C ILE C 18 9.83 13.01 -5.09
N ILE C 19 10.70 12.22 -4.45
CA ILE C 19 11.97 11.87 -5.02
C ILE C 19 11.86 10.41 -5.46
N TYR C 20 11.96 10.20 -6.77
CA TYR C 20 11.87 8.84 -7.33
C TYR C 20 13.18 8.13 -7.12
N ASN C 21 13.15 7.04 -6.37
CA ASN C 21 14.35 6.24 -6.14
C ASN C 21 14.27 4.89 -6.85
N PRO C 22 15.42 4.30 -7.17
CA PRO C 22 15.41 2.95 -7.78
C PRO C 22 14.54 1.95 -7.05
N GLY C 23 13.71 1.23 -7.80
CA GLY C 23 12.79 0.27 -7.23
C GLY C 23 11.40 0.86 -6.91
N ASP C 24 11.26 2.18 -6.90
CA ASP C 24 9.98 2.78 -6.49
C ASP C 24 8.88 2.44 -7.50
N VAL C 25 7.69 2.22 -6.95
CA VAL C 25 6.47 2.09 -7.77
C VAL C 25 5.63 3.30 -7.43
N ILE C 26 5.14 4.03 -8.45
CA ILE C 26 4.34 5.24 -8.18
C ILE C 26 2.97 5.23 -8.86
N THR C 27 2.02 5.95 -8.28
CA THR C 27 0.76 6.20 -8.94
C THR C 27 0.52 7.71 -9.02
N ILE C 28 0.00 8.20 -10.15
CA ILE C 28 -0.27 9.63 -10.36
C ILE C 28 -1.68 9.72 -10.93
N VAL C 29 -2.50 10.63 -10.38
CA VAL C 29 -3.80 10.95 -10.97
C VAL C 29 -3.86 12.45 -11.22
N ALA C 30 -4.16 12.87 -12.44
CA ALA C 30 -4.17 14.28 -12.80
C ALA C 30 -5.57 14.64 -13.34
N ALA C 31 -6.04 15.85 -13.02
CA ALA C 31 -7.33 16.34 -13.44
C ALA C 31 -7.30 17.84 -13.71
N GLY C 32 -8.34 18.35 -14.38
CA GLY C 32 -8.47 19.78 -14.62
C GLY C 32 -8.45 20.16 -16.08
N TRP C 33 -8.37 21.48 -16.29
CA TRP C 33 -8.57 22.09 -17.60
C TRP C 33 -7.55 23.15 -17.84
N ALA C 34 -6.96 23.12 -19.04
CA ALA C 34 -5.92 24.11 -19.35
C ALA C 34 -5.82 24.38 -20.86
N SER C 35 -5.20 25.49 -21.22
CA SER C 35 -4.98 25.84 -22.62
C SER C 35 -3.56 26.25 -22.87
N TYR C 36 -3.09 25.93 -24.08
CA TYR C 36 -1.81 26.39 -24.60
C TYR C 36 -1.94 27.72 -25.37
N GLY C 37 -3.11 28.31 -25.38
CA GLY C 37 -3.26 29.60 -26.09
C GLY C 37 -4.67 29.86 -26.50
N PRO C 38 -5.30 28.90 -27.20
CA PRO C 38 -6.68 29.11 -27.61
C PRO C 38 -7.66 29.32 -26.45
N THR C 39 -8.86 29.77 -26.79
CA THR C 39 -9.88 30.06 -25.80
C THR C 39 -10.46 28.79 -25.15
N GLN C 40 -10.56 27.71 -25.92
CA GLN C 40 -11.02 26.44 -25.37
C GLN C 40 -9.95 25.82 -24.48
N LYS C 41 -10.34 24.79 -23.76
CA LYS C 41 -9.44 24.14 -22.81
C LYS C 41 -9.51 22.67 -23.03
N TRP C 42 -8.43 21.99 -22.57
CA TRP C 42 -8.31 20.55 -22.69
C TRP C 42 -7.82 19.95 -21.36
N GLY C 43 -8.08 18.66 -21.22
CA GLY C 43 -7.67 17.89 -20.05
C GLY C 43 -6.23 17.50 -20.17
N PRO C 44 -5.76 16.65 -19.25
CA PRO C 44 -4.33 16.38 -19.17
C PRO C 44 -3.75 15.47 -20.25
N GLN C 45 -4.57 14.98 -21.16
CA GLN C 45 -4.10 14.31 -22.39
C GLN C 45 -3.82 15.31 -23.51
N GLY C 46 -4.20 16.57 -23.29
CA GLY C 46 -3.97 17.65 -24.28
C GLY C 46 -4.90 17.56 -25.47
N ASP C 47 -4.46 18.18 -26.57
CA ASP C 47 -5.30 18.34 -27.77
C ASP C 47 -4.81 17.43 -28.88
N ARG C 48 -5.57 16.38 -29.15
CA ARG C 48 -5.19 15.31 -30.07
C ARG C 48 -5.18 15.77 -31.54
N GLU C 49 -5.73 16.95 -31.79
CA GLU C 49 -5.86 17.53 -33.14
C GLU C 49 -4.69 18.44 -33.50
N HIS C 50 -3.87 18.81 -32.51
CA HIS C 50 -2.88 19.86 -32.68
C HIS C 50 -1.50 19.33 -33.15
N PRO C 51 -0.91 19.94 -34.20
CA PRO C 51 0.42 19.46 -34.61
C PRO C 51 1.55 19.84 -33.65
N ASP C 52 2.61 19.05 -33.66
CA ASP C 52 3.79 19.29 -32.83
C ASP C 52 4.70 20.30 -33.55
N GLN C 53 4.86 21.47 -32.94
CA GLN C 53 5.68 22.56 -33.48
C GLN C 53 6.91 22.79 -32.62
N GLY C 54 7.39 21.75 -31.96
CA GLY C 54 8.58 21.84 -31.08
C GLY C 54 8.25 21.71 -29.59
N LEU C 55 7.39 20.76 -29.27
CA LEU C 55 6.98 20.57 -27.87
C LEU C 55 8.13 20.03 -27.01
N ILE C 56 8.08 20.33 -25.71
CA ILE C 56 9.08 19.76 -24.81
C ILE C 56 9.01 18.22 -24.71
N OCS C 57 7.86 17.63 -25.03
CA OCS C 57 7.68 16.17 -25.08
CB OCS C 57 6.80 15.71 -23.88
SG OCS C 57 6.71 14.02 -23.68
C OCS C 57 7.00 15.80 -26.35
O OCS C 57 5.83 16.13 -26.56
OD1 OCS C 57 5.93 13.42 -24.70
OD2 OCS C 57 8.03 13.42 -23.72
N HIS C 58 7.71 15.09 -27.22
CA HIS C 58 7.17 14.73 -28.52
C HIS C 58 6.25 13.52 -28.47
N ASP C 59 6.24 12.80 -27.35
CA ASP C 59 5.44 11.60 -27.23
C ASP C 59 4.13 11.85 -26.46
N ALA C 60 3.75 13.11 -26.33
CA ALA C 60 2.43 13.47 -25.78
C ALA C 60 1.89 14.62 -26.62
N PHE C 61 0.57 14.79 -26.61
CA PHE C 61 -0.03 15.94 -27.33
C PHE C 61 0.27 17.30 -26.68
N CYS C 62 0.15 18.37 -27.47
CA CYS C 62 0.28 19.72 -26.95
C CYS C 62 -0.81 19.90 -25.88
N GLY C 63 -0.45 20.48 -24.72
CA GLY C 63 -1.41 20.63 -23.64
C GLY C 63 -1.51 19.42 -22.70
N ALA C 64 -0.71 18.38 -22.93
CA ALA C 64 -0.70 17.23 -22.01
C ALA C 64 0.16 17.50 -20.78
N LEU C 65 -0.07 16.73 -19.73
CA LEU C 65 0.80 16.73 -18.54
C LEU C 65 1.97 15.79 -18.80
N VAL C 66 3.19 16.30 -18.59
CA VAL C 66 4.40 15.46 -18.62
C VAL C 66 5.25 15.69 -17.36
N MET C 67 6.35 14.95 -17.26
CA MET C 67 7.25 15.10 -16.09
C MET C 67 8.68 14.89 -16.43
N LYS C 68 9.56 15.39 -15.54
CA LYS C 68 10.96 14.93 -15.50
C LYS C 68 11.21 14.31 -14.16
N ILE C 69 12.11 13.34 -14.17
CA ILE C 69 12.58 12.74 -12.91
C ILE C 69 14.06 13.08 -12.82
N GLY C 70 14.40 13.87 -11.80
CA GLY C 70 15.77 14.38 -11.71
C GLY C 70 16.04 15.11 -13.01
N ASN C 71 17.20 14.83 -13.59
CA ASN C 71 17.65 15.45 -14.84
C ASN C 71 17.30 14.67 -16.08
N SER C 72 16.26 13.86 -16.00
CA SER C 72 15.80 13.10 -17.15
C SER C 72 15.22 14.01 -18.22
N GLY C 73 15.09 13.44 -19.40
CA GLY C 73 14.23 14.00 -20.41
C GLY C 73 12.78 13.88 -20.01
N THR C 74 11.93 14.57 -20.74
CA THR C 74 10.49 14.49 -20.44
C THR C 74 9.90 13.09 -20.65
N ILE C 75 8.92 12.77 -19.79
CA ILE C 75 8.17 11.53 -19.79
C ILE C 75 6.67 11.84 -19.76
N PRO C 76 5.85 11.22 -20.64
CA PRO C 76 4.40 11.54 -20.58
C PRO C 76 3.73 11.06 -19.31
N VAL C 77 2.85 11.90 -18.79
CA VAL C 77 1.97 11.55 -17.65
C VAL C 77 0.52 11.46 -18.04
N ASN C 78 0.04 12.43 -18.84
CA ASN C 78 -1.33 12.35 -19.35
C ASN C 78 -2.26 12.33 -18.16
N THR C 79 -3.29 11.43 -18.11
CA THR C 79 -4.24 11.42 -17.01
C THR C 79 -3.67 10.83 -15.72
N GLY C 80 -2.51 10.22 -15.85
CA GLY C 80 -1.87 9.52 -14.74
C GLY C 80 -1.15 8.20 -15.10
N LEU C 81 -0.62 7.55 -14.05
CA LEU C 81 0.20 6.35 -14.19
C LEU C 81 -0.24 5.43 -13.07
N PHE C 82 -0.48 4.16 -13.38
CA PHE C 82 -0.95 3.23 -12.37
C PHE C 82 0.13 2.22 -11.99
N ARG C 83 0.59 2.29 -10.75
CA ARG C 83 1.57 1.33 -10.22
C ARG C 83 2.75 1.14 -11.18
N TRP C 84 3.36 2.27 -11.50
CA TRP C 84 4.35 2.44 -12.57
C TRP C 84 5.77 2.48 -12.02
N VAL C 85 6.66 1.81 -12.74
CA VAL C 85 8.10 1.80 -12.44
C VAL C 85 8.78 2.57 -13.58
N ALA C 86 9.73 3.45 -13.25
CA ALA C 86 10.47 4.25 -14.18
C ALA C 86 11.50 3.40 -14.89
N PRO C 87 11.94 3.85 -16.06
CA PRO C 87 13.06 3.16 -16.71
C PRO C 87 14.26 3.14 -15.78
N ASN C 88 15.15 2.18 -16.00
CA ASN C 88 16.40 2.17 -15.23
C ASN C 88 17.13 3.49 -15.45
N ASN C 89 17.97 3.87 -14.50
CA ASN C 89 18.86 5.02 -14.69
C ASN C 89 18.16 6.37 -14.68
N VAL C 90 16.93 6.40 -14.18
CA VAL C 90 16.21 7.59 -13.96
C VAL C 90 15.95 7.68 -12.44
N GLN C 91 16.32 8.79 -11.80
CA GLN C 91 16.06 8.99 -10.40
C GLN C 91 16.15 10.45 -10.05
N GLY C 92 15.50 10.83 -8.97
CA GLY C 92 15.47 12.19 -8.50
C GLY C 92 14.10 12.79 -8.32
N ALA C 93 14.09 14.09 -8.04
CA ALA C 93 12.86 14.80 -7.80
C ALA C 93 11.94 14.76 -9.02
N ILE C 94 10.63 14.54 -8.79
CA ILE C 94 9.68 14.65 -9.88
C ILE C 94 9.28 16.09 -10.06
N THR C 95 9.45 16.60 -11.28
CA THR C 95 8.92 17.89 -11.67
C THR C 95 7.82 17.69 -12.72
N LEU C 96 6.66 18.28 -12.47
CA LEU C 96 5.54 18.21 -13.40
C LEU C 96 5.48 19.45 -14.28
N ILE C 97 5.18 19.25 -15.55
CA ILE C 97 5.22 20.34 -16.54
C ILE C 97 4.10 20.20 -17.56
N TYR C 98 3.48 21.33 -17.88
CA TYR C 98 2.60 21.45 -19.01
C TYR C 98 3.37 21.36 -20.34
N ASN C 99 2.87 20.56 -21.27
CA ASN C 99 3.56 20.33 -22.55
C ASN C 99 3.22 21.44 -23.56
N ASP C 100 4.16 22.31 -23.79
CA ASP C 100 4.02 23.37 -24.81
C ASP C 100 5.37 23.60 -25.44
N VAL C 101 5.45 24.51 -26.42
CA VAL C 101 6.70 24.87 -27.09
C VAL C 101 7.49 25.83 -26.20
N PRO C 102 8.79 25.59 -26.01
CA PRO C 102 9.59 26.55 -25.22
C PRO C 102 9.39 28.01 -25.69
N GLY C 103 9.36 28.94 -24.75
CA GLY C 103 9.08 30.35 -25.07
C GLY C 103 7.66 30.69 -25.43
N THR C 104 6.75 29.73 -25.43
CA THR C 104 5.37 30.04 -25.83
C THR C 104 4.38 29.88 -24.67
N TYR C 105 4.89 29.82 -23.44
CA TYR C 105 4.04 29.53 -22.28
C TYR C 105 3.28 30.77 -21.80
N GLY C 106 3.69 31.96 -22.25
CA GLY C 106 3.10 33.17 -21.72
C GLY C 106 1.61 33.31 -21.95
N ASN C 107 1.06 32.75 -23.02
CA ASN C 107 -0.35 32.88 -23.29
C ASN C 107 -1.14 31.71 -22.79
N ASN C 108 -0.54 30.84 -21.97
CA ASN C 108 -1.29 29.68 -21.47
C ASN C 108 -2.16 30.04 -20.28
N SER C 109 -3.16 29.22 -20.01
CA SER C 109 -4.04 29.45 -18.87
C SER C 109 -4.52 28.11 -18.28
N GLY C 110 -5.00 28.17 -17.05
CA GLY C 110 -5.56 27.01 -16.37
C GLY C 110 -4.44 26.22 -15.76
N SER C 111 -4.80 25.04 -15.25
CA SER C 111 -3.90 24.23 -14.47
C SER C 111 -4.45 22.84 -14.31
N PHE C 112 -3.58 21.95 -13.82
CA PHE C 112 -3.98 20.59 -13.48
C PHE C 112 -3.73 20.36 -12.00
N SER C 113 -4.69 19.70 -11.39
CA SER C 113 -4.60 19.25 -10.01
C SER C 113 -4.05 17.82 -10.04
N VAL C 114 -2.98 17.55 -9.28
CA VAL C 114 -2.28 16.28 -9.39
C VAL C 114 -2.01 15.70 -8.05
N ASN C 115 -2.24 14.39 -7.91
CA ASN C 115 -1.83 13.62 -6.73
C ASN C 115 -0.75 12.62 -7.18
N ILE C 116 0.29 12.44 -6.35
CA ILE C 116 1.35 11.46 -6.57
C ILE C 116 1.61 10.70 -5.28
N GLY C 117 1.65 9.37 -5.37
CA GLY C 117 2.00 8.56 -4.22
C GLY C 117 2.93 7.44 -4.57
N LYS C 118 3.63 6.91 -3.57
CA LYS C 118 4.42 5.69 -3.75
C LYS C 118 3.60 4.48 -3.32
N ASP C 119 3.68 3.44 -4.11
CA ASP C 119 2.98 2.19 -3.86
C ASP C 119 3.84 1.16 -3.18
N GLN C 120 3.22 0.06 -2.72
CA GLN C 120 3.95 -1.02 -2.12
C GLN C 120 4.94 -1.59 -3.07
N SER C 121 6.08 -2.02 -2.53
CA SER C 121 7.07 -2.71 -3.33
C SER C 121 7.87 -3.66 -2.47
N ALA D 1 -7.25 -6.49 -8.32
CA ALA D 1 -7.17 -5.35 -9.27
C ALA D 1 -7.86 -5.75 -10.57
N TRP D 2 -8.33 -4.75 -11.27
CA TRP D 2 -9.06 -4.96 -12.50
C TRP D 2 -8.45 -4.04 -13.55
N LYS D 3 -8.29 -4.56 -14.75
CA LYS D 3 -7.79 -3.77 -15.87
C LYS D 3 -8.71 -4.08 -17.06
N GLY D 4 -9.22 -3.07 -17.72
CA GLY D 4 -10.01 -3.32 -18.90
C GLY D 4 -10.41 -2.06 -19.62
N GLU D 5 -11.47 -2.15 -20.43
CA GLU D 5 -11.92 -1.00 -21.19
C GLU D 5 -13.43 -0.78 -20.99
N VAL D 6 -13.85 0.48 -21.12
CA VAL D 6 -15.24 0.86 -20.96
C VAL D 6 -15.65 1.49 -22.30
N LEU D 7 -16.55 0.83 -23.01
CA LEU D 7 -17.01 1.34 -24.32
C LEU D 7 -18.03 2.43 -24.17
N ALA D 8 -17.88 3.48 -24.97
CA ALA D 8 -18.78 4.63 -24.93
C ALA D 8 -20.20 4.25 -25.29
N ASN D 9 -20.37 3.22 -26.11
CA ASN D 9 -21.69 2.85 -26.57
C ASN D 9 -22.39 1.82 -25.67
N ASN D 10 -21.76 1.45 -24.54
CA ASN D 10 -22.35 0.47 -23.61
C ASN D 10 -23.21 1.16 -22.54
N GLU D 11 -24.51 1.26 -22.78
CA GLU D 11 -25.39 1.98 -21.86
C GLU D 11 -25.47 1.32 -20.48
N ALA D 12 -25.31 -0.01 -20.45
CA ALA D 12 -25.49 -0.78 -19.21
C ALA D 12 -24.26 -0.67 -18.31
N GLY D 13 -23.17 -0.22 -18.91
CA GLY D 13 -21.87 -0.10 -18.24
C GLY D 13 -21.13 -1.43 -18.09
N GLN D 14 -19.97 -1.36 -17.47
CA GLN D 14 -19.05 -2.44 -17.40
C GLN D 14 -18.94 -2.87 -15.92
N VAL D 15 -19.43 -4.07 -15.56
CA VAL D 15 -19.37 -4.56 -14.18
C VAL D 15 -17.97 -5.16 -13.99
N THR D 16 -17.20 -4.53 -13.10
CA THR D 16 -15.86 -4.99 -12.78
C THR D 16 -15.86 -6.05 -11.69
N SER D 17 -14.65 -6.59 -11.44
CA SER D 17 -14.42 -7.59 -10.40
C SER D 17 -14.16 -6.95 -9.04
N ILE D 18 -14.17 -5.62 -8.98
CA ILE D 18 -13.86 -4.94 -7.70
C ILE D 18 -15.14 -4.80 -6.89
N ILE D 19 -15.18 -5.45 -5.72
CA ILE D 19 -16.29 -5.30 -4.78
C ILE D 19 -15.81 -4.32 -3.72
N TYR D 20 -16.37 -3.11 -3.74
CA TYR D 20 -16.04 -2.10 -2.75
C TYR D 20 -16.71 -2.51 -1.41
N ASN D 21 -15.90 -2.75 -0.39
CA ASN D 21 -16.39 -3.15 0.95
C ASN D 21 -16.12 -1.99 1.91
N PRO D 22 -16.87 -1.92 3.00
CA PRO D 22 -16.67 -0.84 3.95
C PRO D 22 -15.21 -0.73 4.39
N GLY D 23 -14.70 0.49 4.33
CA GLY D 23 -13.34 0.76 4.76
C GLY D 23 -12.33 0.71 3.63
N ASP D 24 -12.69 0.18 2.47
CA ASP D 24 -11.70 0.07 1.41
C ASP D 24 -11.26 1.45 0.88
N VAL D 25 -10.02 1.47 0.44
CA VAL D 25 -9.42 2.64 -0.20
C VAL D 25 -9.09 2.16 -1.61
N ILE D 26 -9.51 2.91 -2.62
CA ILE D 26 -9.29 2.49 -4.01
C ILE D 26 -8.64 3.60 -4.83
N THR D 27 -7.94 3.19 -5.87
CA THR D 27 -7.41 4.13 -6.85
C THR D 27 -7.86 3.69 -8.23
N ILE D 28 -8.31 4.64 -9.02
CA ILE D 28 -8.71 4.39 -10.41
C ILE D 28 -7.89 5.35 -11.27
N VAL D 29 -7.38 4.86 -12.39
CA VAL D 29 -6.75 5.74 -13.41
C VAL D 29 -7.40 5.38 -14.74
N ALA D 30 -7.91 6.40 -15.46
CA ALA D 30 -8.57 6.20 -16.74
C ALA D 30 -7.89 7.00 -17.85
N ALA D 31 -7.82 6.45 -19.06
CA ALA D 31 -7.19 7.14 -20.20
C ALA D 31 -7.99 6.86 -21.45
N GLY D 32 -7.67 7.56 -22.53
CA GLY D 32 -8.23 7.26 -23.85
C GLY D 32 -9.16 8.32 -24.41
N TRP D 33 -9.80 7.97 -25.54
CA TRP D 33 -10.59 8.91 -26.34
C TRP D 33 -11.93 8.28 -26.71
N ALA D 34 -13.00 9.05 -26.56
CA ALA D 34 -14.33 8.53 -26.87
C ALA D 34 -15.23 9.67 -27.27
N SER D 35 -16.36 9.32 -27.84
CA SER D 35 -17.34 10.30 -28.30
C SER D 35 -18.75 9.83 -28.02
N TYR D 36 -19.59 10.84 -27.78
CA TYR D 36 -21.04 10.69 -27.58
C TYR D 36 -21.81 10.87 -28.92
N GLY D 37 -21.09 10.95 -30.03
CA GLY D 37 -21.74 11.10 -31.40
C GLY D 37 -20.91 11.88 -32.39
N PRO D 38 -20.34 13.03 -32.00
CA PRO D 38 -19.52 13.80 -32.94
C PRO D 38 -18.28 13.02 -33.47
N THR D 39 -17.74 13.41 -34.61
N THR D 39 -17.76 13.41 -34.63
CA THR D 39 -16.50 12.79 -35.10
CA THR D 39 -16.53 12.84 -35.13
C THR D 39 -15.31 13.12 -34.16
C THR D 39 -15.37 13.09 -34.12
N GLN D 40 -15.37 14.28 -33.54
CA GLN D 40 -14.35 14.67 -32.53
C GLN D 40 -14.46 13.71 -31.32
N LYS D 41 -13.38 13.63 -30.56
N LYS D 41 -13.37 13.59 -30.56
CA LYS D 41 -13.32 12.80 -29.37
CA LYS D 41 -13.40 12.79 -29.35
C LYS D 41 -12.84 13.58 -28.15
C LYS D 41 -12.83 13.56 -28.15
N TRP D 42 -13.18 13.06 -26.97
CA TRP D 42 -12.80 13.67 -25.69
C TRP D 42 -12.22 12.59 -24.76
N GLY D 43 -11.41 13.06 -23.83
CA GLY D 43 -10.90 12.22 -22.75
C GLY D 43 -11.91 11.96 -21.64
N PRO D 44 -11.46 11.30 -20.57
CA PRO D 44 -12.40 10.87 -19.57
C PRO D 44 -13.07 11.94 -18.72
N GLN D 45 -12.67 13.21 -18.85
CA GLN D 45 -13.47 14.27 -18.26
C GLN D 45 -14.65 14.72 -19.13
N GLY D 46 -14.73 14.19 -20.35
CA GLY D 46 -15.78 14.58 -21.30
C GLY D 46 -15.60 15.97 -21.90
N ASP D 47 -16.74 16.54 -22.37
CA ASP D 47 -16.78 17.77 -23.16
C ASP D 47 -17.34 18.91 -22.29
N ARG D 48 -16.44 19.78 -21.80
CA ARG D 48 -16.84 20.90 -20.93
C ARG D 48 -17.77 21.92 -21.59
N GLU D 49 -17.92 21.88 -22.90
CA GLU D 49 -18.72 22.90 -23.56
C GLU D 49 -20.12 22.41 -23.79
N HIS D 50 -20.40 21.14 -23.49
CA HIS D 50 -21.63 20.52 -23.98
C HIS D 50 -22.74 20.61 -22.95
N PRO D 51 -23.94 21.01 -23.36
CA PRO D 51 -25.03 21.09 -22.39
C PRO D 51 -25.47 19.72 -21.91
N ASP D 52 -26.02 19.70 -20.71
CA ASP D 52 -26.59 18.52 -20.10
C ASP D 52 -28.06 18.42 -20.53
N GLN D 53 -28.36 17.46 -21.41
CA GLN D 53 -29.71 17.28 -21.93
C GLN D 53 -30.34 16.07 -21.29
N GLY D 54 -29.99 15.75 -20.05
CA GLY D 54 -30.52 14.53 -19.40
C GLY D 54 -29.50 13.44 -19.15
N LEU D 55 -28.29 13.85 -18.81
CA LEU D 55 -27.19 12.90 -18.52
C LEU D 55 -27.45 12.01 -17.30
N ILE D 56 -26.91 10.78 -17.35
CA ILE D 56 -27.01 9.86 -16.19
C ILE D 56 -26.29 10.40 -14.96
N OCS D 57 -25.27 11.24 -15.16
CA OCS D 57 -24.61 11.94 -14.05
CB OCS D 57 -23.21 11.34 -13.83
SG OCS D 57 -22.38 11.84 -12.42
C OCS D 57 -24.56 13.42 -14.34
O OCS D 57 -23.88 13.88 -15.27
OD1 OCS D 57 -22.01 13.21 -12.57
OD2 OCS D 57 -23.20 11.60 -11.26
N HIS D 58 -25.30 14.19 -13.54
CA HIS D 58 -25.34 15.64 -13.73
C HIS D 58 -24.13 16.33 -13.12
N ASP D 59 -23.31 15.61 -12.36
CA ASP D 59 -22.11 16.20 -11.75
C ASP D 59 -20.86 15.96 -12.58
N ALA D 60 -21.03 15.49 -13.82
CA ALA D 60 -19.91 15.33 -14.73
C ALA D 60 -20.37 15.75 -16.11
N PHE D 61 -19.42 16.11 -16.96
CA PHE D 61 -19.72 16.49 -18.32
C PHE D 61 -20.18 15.30 -19.17
N CYS D 62 -20.87 15.62 -20.24
CA CYS D 62 -21.20 14.62 -21.23
C CYS D 62 -19.88 14.05 -21.79
N GLY D 63 -19.80 12.73 -21.87
CA GLY D 63 -18.60 12.03 -22.30
C GLY D 63 -17.57 11.70 -21.23
N ALA D 64 -17.91 11.99 -19.98
CA ALA D 64 -17.02 11.66 -18.86
C ALA D 64 -17.19 10.21 -18.45
N LEU D 65 -16.19 9.69 -17.74
CA LEU D 65 -16.32 8.41 -17.09
C LEU D 65 -16.98 8.57 -15.71
N VAL D 66 -17.95 7.73 -15.43
CA VAL D 66 -18.64 7.71 -14.14
C VAL D 66 -18.75 6.26 -13.63
N MET D 67 -19.22 6.08 -12.38
CA MET D 67 -19.35 4.73 -11.83
C MET D 67 -20.58 4.64 -10.92
N LYS D 68 -20.97 3.42 -10.63
CA LYS D 68 -21.88 3.08 -9.55
C LYS D 68 -21.19 2.07 -8.66
N ILE D 69 -21.47 2.10 -7.34
CA ILE D 69 -20.99 1.07 -6.45
C ILE D 69 -22.22 0.36 -5.89
N GLY D 70 -22.36 -0.93 -6.18
CA GLY D 70 -23.61 -1.63 -5.90
C GLY D 70 -24.73 -0.86 -6.58
N ASN D 71 -25.80 -0.63 -5.84
CA ASN D 71 -26.97 0.08 -6.40
C ASN D 71 -26.99 1.57 -6.07
N SER D 72 -25.82 2.20 -6.05
CA SER D 72 -25.71 3.60 -5.72
C SER D 72 -26.11 4.43 -6.91
N GLY D 73 -26.29 5.72 -6.67
CA GLY D 73 -26.35 6.66 -7.74
C GLY D 73 -25.01 6.76 -8.44
N THR D 74 -25.00 7.47 -9.57
CA THR D 74 -23.74 7.66 -10.29
C THR D 74 -22.84 8.61 -9.52
N ILE D 75 -21.54 8.31 -9.61
CA ILE D 75 -20.49 9.02 -8.98
C ILE D 75 -19.45 9.37 -10.03
N PRO D 76 -19.03 10.64 -10.09
CA PRO D 76 -18.03 10.93 -11.15
C PRO D 76 -16.69 10.27 -10.91
N VAL D 77 -16.05 9.82 -12.00
CA VAL D 77 -14.70 9.26 -11.95
C VAL D 77 -13.76 10.18 -12.71
N ASN D 78 -14.14 10.60 -13.94
CA ASN D 78 -13.32 11.49 -14.73
C ASN D 78 -11.98 10.76 -15.01
N THR D 79 -10.84 11.44 -14.81
CA THR D 79 -9.55 10.83 -15.07
C THR D 79 -9.14 9.79 -14.02
N GLY D 80 -9.86 9.75 -12.88
CA GLY D 80 -9.57 8.79 -11.83
C GLY D 80 -9.82 9.34 -10.42
N LEU D 81 -9.58 8.47 -9.47
CA LEU D 81 -9.76 8.72 -8.04
C LEU D 81 -8.47 8.27 -7.40
N PHE D 82 -7.93 9.09 -6.47
CA PHE D 82 -6.69 8.78 -5.80
C PHE D 82 -6.94 8.47 -4.35
N ARG D 83 -6.67 7.21 -3.97
CA ARG D 83 -6.77 6.74 -2.60
C ARG D 83 -8.09 7.21 -1.97
N TRP D 84 -9.17 6.82 -2.65
CA TRP D 84 -10.54 7.31 -2.39
C TRP D 84 -11.35 6.34 -1.52
N VAL D 85 -12.12 6.91 -0.59
CA VAL D 85 -13.02 6.15 0.30
C VAL D 85 -14.45 6.57 -0.05
N ALA D 86 -15.36 5.61 -0.11
CA ALA D 86 -16.75 5.91 -0.51
C ALA D 86 -17.55 6.50 0.64
N PRO D 87 -18.69 7.18 0.31
CA PRO D 87 -19.63 7.57 1.36
C PRO D 87 -20.09 6.40 2.22
N ASN D 88 -20.52 6.71 3.43
CA ASN D 88 -21.02 5.69 4.31
C ASN D 88 -22.17 4.91 3.63
N ASN D 89 -22.25 3.61 3.95
CA ASN D 89 -23.30 2.72 3.44
C ASN D 89 -23.23 2.43 1.93
N VAL D 90 -22.22 2.97 1.25
CA VAL D 90 -22.04 2.68 -0.17
C VAL D 90 -21.11 1.47 -0.27
N GLN D 91 -21.60 0.39 -0.88
CA GLN D 91 -20.82 -0.87 -0.99
C GLN D 91 -21.33 -1.75 -2.12
N GLY D 92 -20.44 -2.58 -2.67
CA GLY D 92 -20.79 -3.49 -3.75
C GLY D 92 -19.90 -3.42 -4.97
N ALA D 93 -20.25 -4.16 -6.02
CA ALA D 93 -19.44 -4.19 -7.24
C ALA D 93 -19.37 -2.81 -7.85
N ILE D 94 -18.22 -2.49 -8.41
CA ILE D 94 -18.01 -1.24 -9.13
C ILE D 94 -18.38 -1.47 -10.59
N THR D 95 -19.34 -0.68 -11.06
CA THR D 95 -19.72 -0.63 -12.51
C THR D 95 -19.24 0.70 -13.10
N LEU D 96 -18.50 0.64 -14.21
CA LEU D 96 -18.01 1.83 -14.86
C LEU D 96 -18.93 2.14 -16.06
N ILE D 97 -19.23 3.42 -16.30
CA ILE D 97 -20.18 3.80 -17.33
C ILE D 97 -19.76 5.11 -17.99
N TYR D 98 -19.95 5.18 -19.31
CA TYR D 98 -19.78 6.41 -20.04
C TYR D 98 -20.99 7.33 -19.77
N ASN D 99 -20.76 8.62 -19.60
CA ASN D 99 -21.83 9.56 -19.28
C ASN D 99 -22.46 10.08 -20.57
N ASP D 100 -23.68 9.64 -20.85
CA ASP D 100 -24.45 10.16 -21.99
C ASP D 100 -25.92 10.19 -21.57
N VAL D 101 -26.79 10.72 -22.43
CA VAL D 101 -28.23 10.76 -22.17
C VAL D 101 -28.83 9.38 -22.44
N PRO D 102 -29.67 8.90 -21.52
CA PRO D 102 -30.24 7.59 -21.79
C PRO D 102 -30.99 7.52 -23.13
N GLY D 103 -30.85 6.40 -23.82
CA GLY D 103 -31.44 6.20 -25.14
C GLY D 103 -30.63 6.71 -26.32
N THR D 104 -29.50 7.36 -26.01
CA THR D 104 -28.68 8.03 -27.05
C THR D 104 -27.26 7.43 -27.17
N TYR D 105 -27.08 6.24 -26.61
CA TYR D 105 -25.73 5.61 -26.61
C TYR D 105 -25.38 4.93 -27.92
N GLY D 106 -26.36 4.69 -28.81
CA GLY D 106 -26.10 3.88 -29.98
C GLY D 106 -25.15 4.46 -31.02
N ASN D 107 -24.99 5.79 -31.01
CA ASN D 107 -24.05 6.45 -31.92
C ASN D 107 -22.70 6.75 -31.29
N ASN D 108 -22.45 6.24 -30.08
CA ASN D 108 -21.19 6.54 -29.41
C ASN D 108 -20.02 5.73 -29.98
N SER D 109 -18.81 6.20 -29.78
CA SER D 109 -17.63 5.50 -30.29
C SER D 109 -16.43 5.65 -29.36
N GLY D 110 -15.47 4.76 -29.53
CA GLY D 110 -14.30 4.72 -28.67
C GLY D 110 -14.53 4.12 -27.31
N SER D 111 -13.52 4.30 -26.45
CA SER D 111 -13.51 3.61 -25.15
C SER D 111 -12.45 4.25 -24.26
N PHE D 112 -12.53 3.99 -22.96
CA PHE D 112 -11.50 4.42 -22.03
C PHE D 112 -10.88 3.19 -21.48
N SER D 113 -9.56 3.21 -21.35
N SER D 113 -9.57 3.24 -21.29
CA SER D 113 -8.83 2.14 -20.68
CA SER D 113 -8.82 2.15 -20.68
C SER D 113 -8.80 2.52 -19.21
C SER D 113 -8.68 2.49 -19.21
N VAL D 114 -8.99 1.54 -18.34
CA VAL D 114 -9.16 1.80 -16.93
C VAL D 114 -8.47 0.75 -16.08
N ASN D 115 -7.75 1.24 -15.05
CA ASN D 115 -7.21 0.39 -14.00
C ASN D 115 -7.81 0.75 -12.67
N ILE D 116 -8.18 -0.29 -11.91
CA ILE D 116 -8.65 -0.13 -10.54
C ILE D 116 -7.88 -1.04 -9.62
N GLY D 117 -7.39 -0.47 -8.52
CA GLY D 117 -6.75 -1.23 -7.50
C GLY D 117 -7.27 -0.90 -6.11
N LYS D 118 -7.15 -1.84 -5.16
CA LYS D 118 -7.35 -1.48 -3.75
C LYS D 118 -6.00 -1.06 -3.14
N ASP D 119 -6.03 0.02 -2.40
CA ASP D 119 -4.86 0.56 -1.73
C ASP D 119 -4.78 0.02 -0.30
N GLN D 120 -3.67 0.32 0.38
CA GLN D 120 -3.52 -0.09 1.78
C GLN D 120 -4.54 0.63 2.59
N SER D 121 -5.05 -0.02 3.63
CA SER D 121 -6.01 0.63 4.55
C SER D 121 -5.90 0.00 5.94
CA CA E . -3.52 -21.24 31.77
C1 GAL F . -0.36 -25.08 32.97
C2 GAL F . -1.30 -24.00 33.43
C3 GAL F . -2.68 -24.17 32.92
C4 GAL F . -2.60 -24.46 31.38
C5 GAL F . -1.57 -25.49 30.98
C6 GAL F . -1.49 -25.66 29.44
O2 GAL F . -1.25 -24.07 34.88
O3 GAL F . -3.47 -23.08 33.29
O4 GAL F . -2.37 -23.20 30.78
O5 GAL F . -0.28 -25.21 31.50
O6 GAL F . -0.70 -26.74 29.10
C14 CN8 G . 11.22 -28.00 30.12
C12 CN8 G . 9.80 -28.55 30.10
N4 CN8 G . 8.71 -27.84 29.69
N3 CN8 G . 7.56 -28.67 29.81
C13 CN8 G . 9.39 -29.84 30.48
N2 CN8 G . 8.05 -29.90 30.30
C11 CN8 G . 7.03 -30.94 30.52
C10 CN8 G . 6.76 -31.05 32.04
N1 CN8 G . 5.97 -29.92 32.55
C9 CN8 G . 4.67 -29.79 32.29
O1 CN8 G . 4.09 -30.64 31.64
C4 CN8 G . 3.86 -28.57 32.64
C3 CN8 G . 2.47 -28.62 32.40
C2 CN8 G . 1.70 -27.50 32.68
C1 CN8 G . 2.28 -26.30 33.17
S1 CN8 G . 1.38 -24.89 33.48
C6 CN8 G . 3.66 -26.27 33.35
C5 CN8 G . 4.43 -27.40 33.09
OH2 1PE H . -14.05 -23.22 19.02
C12 1PE H . -12.72 -23.68 19.10
C22 1PE H . -11.86 -22.75 19.98
OH3 1PE H . -12.57 -21.58 20.32
C13 1PE H . -12.60 -19.32 21.14
C23 1PE H . -11.76 -20.52 20.82
OH4 1PE H . -12.82 -18.44 20.06
C14 1PE H . -14.01 -16.50 19.23
C24 1PE H . -13.84 -17.49 20.36
OH5 1PE H . -14.97 -16.94 18.25
S SO4 I . 8.00 -20.48 36.84
O1 SO4 I . 6.74 -20.11 37.50
O2 SO4 I . 8.11 -19.72 35.51
O3 SO4 I . 8.33 -21.84 36.75
O4 SO4 I . 9.06 -19.87 37.63
CA CA J . 26.96 -15.45 22.85
C1 GAL K . 26.39 -15.35 28.03
C2 GAL K . 26.95 -16.04 26.80
C3 GAL K . 27.91 -15.13 26.07
C4 GAL K . 27.25 -13.80 25.82
C5 GAL K . 26.62 -13.22 27.07
C6 GAL K . 25.89 -11.93 26.73
O2 GAL K . 27.59 -17.28 27.11
O3 GAL K . 28.34 -15.75 24.87
O4 GAL K . 26.30 -13.95 24.75
O5 GAL K . 25.71 -14.15 27.69
O6 GAL K . 25.42 -11.28 27.91
C14 CN8 L . 17.49 -16.64 33.92
C12 CN8 L . 18.20 -15.41 34.46
N4 CN8 L . 17.82 -14.14 34.18
N3 CN8 L . 18.68 -13.23 34.84
C13 CN8 L . 19.35 -15.35 35.28
N2 CN8 L . 19.62 -14.04 35.50
C11 CN8 L . 20.61 -13.21 36.24
C10 CN8 L . 22.06 -13.60 36.02
N1 CN8 L . 22.39 -14.14 34.69
C9 CN8 L . 23.50 -13.75 34.04
O1 CN8 L . 24.23 -12.80 34.42
C4 CN8 L . 23.93 -14.45 32.78
C3 CN8 L . 25.10 -13.96 32.14
C2 CN8 L . 25.57 -14.55 30.96
C1 CN8 L . 24.84 -15.61 30.45
S1 CN8 L . 25.25 -16.35 28.95
C6 CN8 L . 23.68 -16.12 31.07
C5 CN8 L . 23.19 -15.53 32.26
OH2 1PE M . 28.36 -1.20 7.20
C12 1PE M . 27.32 -1.03 8.16
C22 1PE M . 26.67 -2.37 8.48
OH3 1PE M . 27.33 -2.97 9.59
C13 1PE M . 27.47 -4.80 11.12
C23 1PE M . 26.68 -4.16 10.02
OH4 1PE M . 27.07 -4.18 12.32
C14 1PE M . 27.22 -4.09 14.68
C24 1PE M . 27.62 -4.83 13.43
OH5 1PE M . 27.92 -2.85 14.87
C15 1PE M . 27.40 -0.66 15.95
C25 1PE M . 27.60 -2.19 16.10
OH6 1PE M . 28.58 0.07 15.59
C16 1PE M . 27.84 2.31 14.60
C26 1PE M . 28.62 1.01 14.47
C1 EDO N . 14.40 -3.47 26.15
O1 EDO N . 13.49 -2.37 26.06
C2 EDO N . 15.77 -3.10 26.74
O2 EDO N . 15.81 -1.76 27.27
C1 EDO O . 24.65 -1.47 29.95
O1 EDO O . 23.45 -0.69 30.01
C2 EDO O . 25.68 -0.84 29.01
O2 EDO O . 26.88 -1.65 29.05
CA CA P . 1.30 28.64 -25.61
C1 GAL Q . -0.25 28.32 -30.44
C2 GAL Q . -0.01 29.19 -29.21
C3 GAL Q . 1.47 29.21 -28.75
C4 GAL Q . 1.90 27.77 -28.48
C5 GAL Q . 1.58 26.94 -29.78
C6 GAL Q . 2.06 25.51 -29.73
O2 GAL Q . -0.50 30.50 -29.44
O3 GAL Q . 1.50 30.00 -27.58
O4 GAL Q . 1.40 27.57 -27.12
O5 GAL Q . 0.21 26.99 -30.26
O6 GAL Q . 1.99 24.77 -30.92
N1 CN8 R . -3.90 24.11 -36.22
C9 CN8 R . -2.68 24.62 -35.95
O1 CN8 R . -1.73 24.26 -36.64
C4 CN8 R . -2.46 25.55 -34.77
C3 CN8 R . -3.53 25.88 -33.92
C2 CN8 R . -3.34 26.71 -32.82
C1 CN8 R . -2.07 27.22 -32.51
S1 CN8 R . -1.95 28.20 -31.09
C6 CN8 R . -0.99 26.89 -33.33
C5 CN8 R . -1.18 26.06 -34.45
OH2 1PE S . 14.11 20.10 -21.24
C12 1PE S . 13.23 21.17 -21.53
C22 1PE S . 12.00 21.20 -20.65
OH3 1PE S . 12.41 21.62 -19.35
C13 1PE S . 11.43 21.75 -17.19
C23 1PE S . 11.48 22.38 -18.58
OH4 1PE S . 12.21 22.39 -16.19
C14 1PE S . 13.65 20.71 -15.24
C24 1PE S . 12.40 21.54 -15.05
OH5 1PE S . 14.00 20.12 -13.99
CA CA T . -24.82 9.61 -28.03
C1 GAL U . -25.66 14.46 -29.44
C2 GAL U . -25.62 13.02 -29.88
C3 GAL U . -26.59 12.19 -29.04
C4 GAL U . -26.54 12.55 -27.51
C5 GAL U . -26.49 14.05 -27.23
C6 GAL U . -26.22 14.34 -25.72
O2 GAL U . -25.92 12.90 -31.32
O3 GAL U . -26.44 10.83 -29.31
O4 GAL U . -25.34 11.88 -27.08
O5 GAL U . -25.50 14.67 -28.02
O6 GAL U . -26.25 15.70 -25.40
O5 CN8 V . -19.69 21.76 -32.87
C29 CN8 V . -19.30 20.68 -33.32
N8 CN8 V . -19.43 20.36 -34.62
C30 CN8 V . -20.13 21.19 -35.59
C31 CN8 V . -20.16 20.50 -36.95
C27 CN8 V . -18.63 19.60 -32.47
N7 CN8 V . -17.18 19.88 -32.29
C26 CN8 V . -17.05 20.54 -30.95
C28 CN8 V . -19.23 19.52 -31.07
C25 CN8 V . -18.38 20.47 -30.23
N6 CN8 V . -18.98 21.79 -30.15
C16 CN8 V . -18.52 22.82 -29.40
O4 CN8 V . -17.60 22.68 -28.59
C15 CN8 V . -19.07 24.22 -29.56
N5 CN8 V . -19.84 24.47 -30.81
C17 CN8 V . -18.93 24.76 -31.82
C14 CN8 V . -19.86 24.65 -28.32
C12 CN8 V . -21.20 23.98 -28.07
N4 CN8 V . -21.41 22.72 -27.61
N3 CN8 V . -22.79 22.50 -27.46
C13 CN8 V . -22.43 24.61 -28.18
N2 CN8 V . -23.37 23.74 -27.82
C11 CN8 V . -24.83 23.81 -27.78
C10 CN8 V . -25.31 23.56 -29.20
N1 CN8 V . -25.05 22.19 -29.57
C9 CN8 V . -25.82 21.24 -29.07
O1 CN8 V . -26.76 21.51 -28.33
C4 CN8 V . -25.53 19.81 -29.39
C3 CN8 V . -26.35 18.82 -28.87
C2 CN8 V . -26.09 17.51 -29.16
C1 CN8 V . -25.00 17.17 -29.98
S1 CN8 V . -24.63 15.58 -30.41
C6 CN8 V . -24.18 18.16 -30.51
C5 CN8 V . -24.43 19.48 -30.21
S SO4 W . -18.19 16.72 -35.66
O1 SO4 W . -17.26 16.50 -34.44
O2 SO4 W . -18.73 15.45 -36.22
O3 SO4 W . -17.24 16.85 -36.77
O4 SO4 W . -18.82 18.00 -35.65
OH2 1PE X . -28.55 2.07 -9.66
C12 1PE X . -28.51 0.64 -9.53
C22 1PE X . -28.37 -0.11 -10.83
OH3 1PE X . -27.11 -0.82 -10.88
C13 1PE X . -25.91 -0.33 -13.00
C23 1PE X . -26.82 -1.29 -12.21
OH4 1PE X . -26.68 0.60 -13.77
C14 1PE X . -26.77 2.04 -15.75
C24 1PE X . -25.97 1.02 -14.95
OH5 1PE X . -26.75 3.32 -15.14
C15 1PE X . -27.99 5.30 -14.43
C25 1PE X . -28.00 4.03 -15.25
OH6 1PE X . -28.99 5.29 -13.39
#